data_6ZC7
#
_entry.id   6ZC7
#
_cell.length_a   85.339
_cell.length_b   85.339
_cell.length_c   58.900
_cell.angle_alpha   90.000
_cell.angle_beta   90.000
_cell.angle_gamma   120.000
#
_symmetry.space_group_name_H-M   'P 61'
#
loop_
_entity.id
_entity.type
_entity.pdbx_description
1 polymer 'Dishevelled, dsh homolog 3 (Drosophila), isoform CRA_b'
2 non-polymer '5-bromanyl-2-[(phenylmethyl)sulfonylamino]benzoic acid'
3 water water
#
_entity_poly.entity_id   1
_entity_poly.type   'polypeptide(L)'
_entity_poly.pdbx_seq_one_letter_code
;AMSLNIITVTLNMEKYNFLGISIVGQSNERGDGGIYIGSIMKGGAVAADGRIEPGDMLLQVNEINFENMSNDDAVRVLRE
IVHKPGPITLTVAKS
;
_entity_poly.pdbx_strand_id   A,B
#
loop_
_chem_comp.id
_chem_comp.type
_chem_comp.name
_chem_comp.formula
V31 non-polymer '5-bromanyl-2-[(phenylmethyl)sulfonylamino]benzoic acid' 'C14 H12 Br N O4 S'
#
# COMPACT_ATOMS: atom_id res chain seq x y z
N SER A 3 13.69 -9.21 3.03
CA SER A 3 12.79 -8.52 4.00
C SER A 3 11.74 -7.68 3.26
N LEU A 4 10.50 -7.70 3.73
CA LEU A 4 9.33 -7.02 3.11
C LEU A 4 9.58 -5.51 3.09
N ASN A 5 9.44 -4.87 1.92
CA ASN A 5 9.58 -3.40 1.74
C ASN A 5 8.47 -2.92 0.78
N ILE A 6 7.28 -2.68 1.32
CA ILE A 6 6.04 -2.38 0.53
C ILE A 6 5.70 -0.90 0.68
N ILE A 7 5.56 -0.20 -0.44
CA ILE A 7 5.21 1.25 -0.46
C ILE A 7 3.96 1.45 -1.34
N THR A 8 3.10 2.39 -0.93
CA THR A 8 1.92 2.84 -1.69
C THR A 8 2.18 4.25 -2.21
N VAL A 9 2.20 4.41 -3.53
CA VAL A 9 2.60 5.66 -4.25
C VAL A 9 1.39 6.18 -5.02
N THR A 10 1.02 7.45 -4.81
CA THR A 10 -0.08 8.13 -5.54
C THR A 10 0.52 9.05 -6.62
N LEU A 11 0.14 8.81 -7.88
CA LEU A 11 0.49 9.66 -9.05
C LEU A 11 -0.77 10.42 -9.50
N ASN A 12 -0.73 11.75 -9.52
CA ASN A 12 -1.93 12.61 -9.68
C ASN A 12 -2.37 12.63 -11.15
N MET A 13 -1.53 12.11 -12.05
CA MET A 13 -1.82 11.97 -13.51
C MET A 13 -2.39 13.27 -14.07
N GLU A 14 -1.83 14.42 -13.65
CA GLU A 14 -2.23 15.77 -14.12
C GLU A 14 -1.34 16.18 -15.31
N LYS A 15 -0.02 15.95 -15.19
CA LYS A 15 1.00 16.44 -16.15
C LYS A 15 1.51 15.28 -17.02
N TYR A 16 0.97 14.07 -16.79
CA TYR A 16 1.43 12.82 -17.46
C TYR A 16 0.22 12.07 -18.04
N ASN A 17 0.42 11.45 -19.20
CA ASN A 17 -0.66 10.86 -20.04
C ASN A 17 -0.61 9.33 -19.91
N PHE A 18 0.38 8.79 -19.19
CA PHE A 18 0.57 7.34 -18.99
C PHE A 18 1.56 7.09 -17.84
N LEU A 19 1.59 5.84 -17.35
CA LEU A 19 2.50 5.40 -16.27
C LEU A 19 3.91 5.23 -16.85
N GLY A 20 4.01 4.59 -18.03
CA GLY A 20 5.27 4.35 -18.75
C GLY A 20 5.99 3.12 -18.21
N ILE A 21 5.27 2.03 -18.03
CA ILE A 21 5.82 0.75 -17.48
C ILE A 21 5.48 -0.40 -18.45
N SER A 22 6.34 -1.42 -18.46
CA SER A 22 6.04 -2.79 -18.93
C SER A 22 6.00 -3.72 -17.72
N ILE A 23 5.15 -4.75 -17.76
CA ILE A 23 5.01 -5.75 -16.67
C ILE A 23 5.31 -7.15 -17.22
N VAL A 24 5.95 -7.99 -16.40
CA VAL A 24 6.30 -9.39 -16.75
C VAL A 24 5.91 -10.29 -15.59
N GLY A 25 5.67 -11.57 -15.87
CA GLY A 25 5.36 -12.59 -14.86
C GLY A 25 3.90 -12.58 -14.46
N GLN A 26 3.48 -13.59 -13.71
CA GLN A 26 2.20 -13.62 -12.95
C GLN A 26 2.36 -14.62 -11.80
N SER A 27 1.47 -14.54 -10.81
CA SER A 27 1.36 -15.52 -9.70
C SER A 27 0.75 -16.83 -10.22
N GLU A 29 0.73 -20.08 -9.40
CA GLU A 29 0.89 -20.84 -8.14
C GLU A 29 0.82 -19.86 -6.95
N ARG A 30 -0.13 -20.09 -6.03
CA ARG A 30 -0.37 -19.22 -4.84
C ARG A 30 0.93 -19.11 -4.02
N GLY A 31 1.48 -17.90 -3.94
CA GLY A 31 2.72 -17.60 -3.20
C GLY A 31 3.95 -17.66 -4.09
N ASP A 32 3.80 -18.18 -5.32
CA ASP A 32 4.89 -18.33 -6.31
C ASP A 32 4.79 -17.20 -7.34
N GLY A 33 5.93 -16.77 -7.87
CA GLY A 33 6.03 -15.74 -8.93
C GLY A 33 5.39 -14.43 -8.50
N GLY A 34 4.73 -13.75 -9.45
CA GLY A 34 4.14 -12.42 -9.24
C GLY A 34 4.24 -11.58 -10.50
N ILE A 35 3.54 -10.43 -10.53
CA ILE A 35 3.64 -9.42 -11.62
C ILE A 35 4.69 -8.38 -11.23
N TYR A 36 5.72 -8.23 -12.05
CA TYR A 36 6.88 -7.33 -11.81
C TYR A 36 6.88 -6.21 -12.84
N ILE A 37 7.40 -5.05 -12.45
CA ILE A 37 7.83 -3.96 -13.38
C ILE A 37 9.06 -4.45 -14.14
N GLY A 38 8.93 -4.68 -15.45
CA GLY A 38 10.03 -5.12 -16.32
C GLY A 38 10.91 -3.95 -16.71
N SER A 39 10.30 -2.81 -17.07
CA SER A 39 11.00 -1.59 -17.53
C SER A 39 10.15 -0.36 -17.25
N ILE A 40 10.80 0.80 -17.12
CA ILE A 40 10.15 2.13 -16.93
C ILE A 40 10.75 3.10 -17.96
N MET A 41 9.91 3.75 -18.76
CA MET A 41 10.37 4.73 -19.78
C MET A 41 10.30 6.13 -19.19
N LYS A 42 11.35 6.94 -19.44
CA LYS A 42 11.38 8.39 -19.11
C LYS A 42 10.20 9.07 -19.80
N GLY A 43 9.56 10.02 -19.11
CA GLY A 43 8.47 10.86 -19.66
C GLY A 43 7.11 10.39 -19.20
N GLY A 44 7.05 9.27 -18.46
CA GLY A 44 5.84 8.75 -17.81
C GLY A 44 5.72 9.22 -16.37
N ALA A 45 4.57 9.00 -15.74
CA ALA A 45 4.28 9.40 -14.35
C ALA A 45 5.18 8.64 -13.37
N VAL A 46 5.47 7.37 -13.66
CA VAL A 46 6.22 6.47 -12.74
C VAL A 46 7.67 6.96 -12.65
N ALA A 47 8.29 7.27 -13.80
CA ALA A 47 9.67 7.79 -13.88
C ALA A 47 9.75 9.14 -13.14
N ALA A 48 8.73 9.99 -13.30
CA ALA A 48 8.67 11.36 -12.74
C ALA A 48 8.72 11.28 -11.21
N ASP A 49 8.00 10.32 -10.63
CA ASP A 49 7.92 10.11 -9.15
C ASP A 49 9.23 9.48 -8.67
N GLY A 50 9.69 8.43 -9.36
CA GLY A 50 11.07 7.91 -9.25
C GLY A 50 11.22 6.82 -8.20
N ARG A 51 10.18 6.56 -7.41
CA ARG A 51 10.25 5.65 -6.24
C ARG A 51 10.08 4.19 -6.69
N ILE A 52 9.28 3.96 -7.74
CA ILE A 52 9.03 2.60 -8.30
C ILE A 52 10.12 2.31 -9.35
N GLU A 53 10.71 1.12 -9.30
CA GLU A 53 11.89 0.74 -10.12
C GLU A 53 11.61 -0.60 -10.79
N PRO A 54 12.31 -0.93 -11.89
CA PRO A 54 12.28 -2.27 -12.46
C PRO A 54 12.62 -3.31 -11.40
N GLY A 55 11.85 -4.40 -11.35
CA GLY A 55 12.03 -5.51 -10.39
C GLY A 55 11.11 -5.39 -9.19
N ASP A 56 10.45 -4.24 -9.03
CA ASP A 56 9.38 -4.04 -8.03
C ASP A 56 8.19 -4.92 -8.42
N MET A 57 7.54 -5.56 -7.43
CA MET A 57 6.36 -6.42 -7.66
C MET A 57 5.09 -5.59 -7.48
N LEU A 58 4.21 -5.60 -8.48
CA LEU A 58 2.92 -4.86 -8.48
C LEU A 58 1.88 -5.65 -7.67
N LEU A 59 1.36 -5.06 -6.60
CA LEU A 59 0.45 -5.74 -5.64
C LEU A 59 -0.98 -5.23 -5.82
N GLN A 60 -1.16 -3.92 -6.00
CA GLN A 60 -2.49 -3.27 -6.04
C GLN A 60 -2.39 -1.98 -6.87
N VAL A 61 -3.41 -1.70 -7.68
CA VAL A 61 -3.62 -0.40 -8.37
C VAL A 61 -5.05 0.07 -8.09
N ASN A 62 -5.18 1.24 -7.47
CA ASN A 62 -6.48 1.78 -7.00
C ASN A 62 -7.14 0.71 -6.11
N GLU A 63 -8.32 0.20 -6.49
CA GLU A 63 -9.09 -0.75 -5.65
C GLU A 63 -8.97 -2.17 -6.21
N ILE A 64 -8.00 -2.41 -7.10
CA ILE A 64 -7.81 -3.71 -7.80
C ILE A 64 -6.52 -4.36 -7.30
N ASN A 65 -6.60 -5.58 -6.75
CA ASN A 65 -5.44 -6.37 -6.28
C ASN A 65 -4.88 -7.19 -7.45
N PHE A 66 -3.55 -7.22 -7.59
CA PHE A 66 -2.81 -7.77 -8.75
C PHE A 66 -2.07 -9.05 -8.35
N GLU A 67 -2.25 -9.49 -7.10
CA GLU A 67 -1.85 -10.84 -6.62
C GLU A 67 -2.92 -11.84 -7.05
N ASN A 68 -2.55 -12.84 -7.85
CA ASN A 68 -3.45 -13.89 -8.41
C ASN A 68 -4.23 -13.30 -9.59
N MET A 69 -3.61 -12.38 -10.34
CA MET A 69 -4.10 -11.90 -11.66
C MET A 69 -3.10 -12.34 -12.75
N SER A 70 -3.60 -12.83 -13.88
CA SER A 70 -2.79 -13.18 -15.08
C SER A 70 -2.16 -11.90 -15.64
N ASN A 71 -1.01 -12.03 -16.32
CA ASN A 71 -0.29 -10.89 -16.95
C ASN A 71 -1.23 -10.23 -17.99
N ASP A 72 -1.92 -11.03 -18.78
CA ASP A 72 -2.87 -10.56 -19.83
C ASP A 72 -3.93 -9.66 -19.17
N ASP A 73 -4.51 -10.11 -18.05
CA ASP A 73 -5.61 -9.41 -17.34
C ASP A 73 -5.06 -8.12 -16.74
N ALA A 74 -3.83 -8.15 -16.22
CA ALA A 74 -3.14 -7.00 -15.58
C ALA A 74 -2.95 -5.87 -16.60
N VAL A 75 -2.50 -6.21 -17.82
CA VAL A 75 -2.28 -5.22 -18.92
C VAL A 75 -3.60 -4.52 -19.23
N ARG A 76 -4.69 -5.30 -19.31
CA ARG A 76 -6.03 -4.78 -19.73
C ARG A 76 -6.59 -3.87 -18.63
N VAL A 77 -6.40 -4.25 -17.37
CA VAL A 77 -6.86 -3.45 -16.19
C VAL A 77 -6.10 -2.12 -16.17
N LEU A 78 -4.78 -2.15 -16.39
CA LEU A 78 -3.91 -0.95 -16.36
C LEU A 78 -4.31 0.00 -17.49
N ARG A 79 -4.56 -0.53 -18.70
CA ARG A 79 -5.00 0.30 -19.85
C ARG A 79 -6.30 1.03 -19.49
N GLU A 80 -7.26 0.31 -18.91
CA GLU A 80 -8.60 0.85 -18.55
C GLU A 80 -8.43 2.01 -17.57
N ILE A 81 -7.50 1.89 -16.62
CA ILE A 81 -7.28 2.89 -15.53
C ILE A 81 -6.57 4.11 -16.12
N VAL A 82 -5.53 3.90 -16.93
CA VAL A 82 -4.66 4.98 -17.48
C VAL A 82 -5.46 5.80 -18.51
N HIS A 83 -6.41 5.17 -19.20
CA HIS A 83 -7.23 5.79 -20.27
C HIS A 83 -8.36 6.63 -19.64
N LYS A 84 -8.55 6.53 -18.32
CA LYS A 84 -9.51 7.37 -17.55
C LYS A 84 -8.75 8.46 -16.81
N PRO A 85 -9.36 9.64 -16.61
CA PRO A 85 -8.76 10.68 -15.77
C PRO A 85 -8.73 10.28 -14.29
N GLY A 86 -7.90 10.97 -13.51
CA GLY A 86 -7.86 10.84 -12.03
C GLY A 86 -6.53 10.28 -11.55
N PRO A 87 -6.21 10.41 -10.24
CA PRO A 87 -4.96 9.90 -9.69
C PRO A 87 -4.92 8.37 -9.71
N ILE A 88 -3.72 7.80 -9.83
CA ILE A 88 -3.47 6.33 -9.80
C ILE A 88 -2.58 6.01 -8.60
N THR A 89 -3.05 5.15 -7.70
CA THR A 89 -2.33 4.69 -6.48
C THR A 89 -1.81 3.27 -6.71
N LEU A 90 -0.48 3.12 -6.78
CA LEU A 90 0.21 1.81 -6.94
C LEU A 90 0.80 1.38 -5.60
N THR A 91 0.57 0.13 -5.20
CA THR A 91 1.27 -0.53 -4.08
C THR A 91 2.23 -1.59 -4.65
N VAL A 92 3.52 -1.47 -4.34
CA VAL A 92 4.57 -2.38 -4.85
C VAL A 92 5.37 -2.94 -3.68
N ALA A 93 5.94 -4.14 -3.86
CA ALA A 93 7.00 -4.72 -3.00
C ALA A 93 8.36 -4.45 -3.65
N LYS A 94 9.19 -3.63 -2.99
CA LYS A 94 10.55 -3.26 -3.47
C LYS A 94 11.40 -4.53 -3.56
N SER A 95 12.29 -4.60 -4.55
CA SER A 95 13.28 -5.68 -4.75
C SER A 95 14.34 -5.63 -3.64
N MET B 2 5.63 -13.48 -2.67
CA MET B 2 4.59 -12.79 -1.83
C MET B 2 3.46 -13.78 -1.50
N SER B 3 3.43 -14.29 -0.27
CA SER B 3 2.35 -15.16 0.27
C SER B 3 1.26 -14.32 0.93
N LEU B 4 1.58 -13.04 1.25
CA LEU B 4 0.70 -12.13 2.01
C LEU B 4 -0.25 -11.41 1.05
N ASN B 5 -1.52 -11.27 1.43
CA ASN B 5 -2.54 -10.44 0.74
C ASN B 5 -2.45 -9.00 1.26
N ILE B 6 -2.05 -8.07 0.39
CA ILE B 6 -1.91 -6.62 0.72
C ILE B 6 -3.22 -5.90 0.36
N ILE B 7 -3.73 -5.07 1.27
CA ILE B 7 -4.92 -4.20 1.03
C ILE B 7 -4.56 -2.76 1.41
N THR B 8 -5.20 -1.80 0.74
CA THR B 8 -5.18 -0.36 1.12
C THR B 8 -6.57 0.02 1.63
N VAL B 9 -6.63 0.60 2.83
CA VAL B 9 -7.90 0.96 3.54
C VAL B 9 -7.91 2.47 3.75
N THR B 10 -8.71 3.19 2.96
CA THR B 10 -8.92 4.66 3.09
C THR B 10 -10.10 4.91 4.04
N LEU B 11 -9.81 5.48 5.21
CA LEU B 11 -10.80 5.81 6.27
C LEU B 11 -11.14 7.29 6.19
N ASN B 12 -12.39 7.61 5.87
CA ASN B 12 -12.96 8.99 6.01
C ASN B 12 -13.24 9.22 7.50
N MET B 13 -12.44 10.08 8.12
CA MET B 13 -12.38 10.28 9.60
C MET B 13 -13.35 11.39 10.01
N GLU B 14 -14.35 11.67 9.17
CA GLU B 14 -15.37 12.73 9.39
C GLU B 14 -16.21 12.37 10.63
N LYS B 15 -16.45 11.08 10.86
CA LYS B 15 -17.44 10.56 11.84
C LYS B 15 -16.72 9.85 12.99
N TYR B 16 -15.39 9.72 12.91
CA TYR B 16 -14.53 9.08 13.95
C TYR B 16 -13.33 9.98 14.24
N ASN B 17 -12.95 10.09 15.52
CA ASN B 17 -11.82 10.93 15.99
C ASN B 17 -10.72 10.04 16.57
N PHE B 18 -10.72 8.74 16.23
CA PHE B 18 -9.58 7.83 16.45
C PHE B 18 -9.70 6.60 15.53
N LEU B 19 -8.56 5.99 15.19
CA LEU B 19 -8.48 4.71 14.43
C LEU B 19 -8.99 3.57 15.30
N GLY B 20 -8.54 3.52 16.56
CA GLY B 20 -8.89 2.46 17.53
C GLY B 20 -8.06 1.21 17.31
N ILE B 21 -6.75 1.36 17.19
CA ILE B 21 -5.79 0.22 17.08
C ILE B 21 -4.71 0.37 18.16
N SER B 22 -4.15 -0.76 18.60
CA SER B 22 -2.83 -0.85 19.25
C SER B 22 -1.86 -1.57 18.31
N ILE B 23 -0.58 -1.23 18.35
CA ILE B 23 0.46 -1.85 17.48
C ILE B 23 1.54 -2.47 18.36
N VAL B 24 2.07 -3.60 17.92
CA VAL B 24 3.18 -4.35 18.59
C VAL B 24 4.29 -4.55 17.57
N GLY B 25 5.52 -4.73 18.07
CA GLY B 25 6.71 -4.95 17.24
C GLY B 25 7.28 -3.64 16.72
N GLN B 26 8.29 -3.75 15.86
CA GLN B 26 9.05 -2.60 15.31
C GLN B 26 9.43 -2.96 13.88
N SER B 27 9.87 -1.97 13.09
CA SER B 27 10.40 -2.23 11.74
C SER B 27 11.48 -3.31 11.83
N ASN B 28 11.48 -4.25 10.88
CA ASN B 28 12.60 -5.20 10.66
C ASN B 28 13.86 -4.40 10.32
N GLU B 29 15.02 -5.07 10.33
CA GLU B 29 16.34 -4.45 10.03
C GLU B 29 16.27 -3.74 8.67
N ARG B 30 15.68 -4.40 7.67
CA ARG B 30 15.41 -3.82 6.33
C ARG B 30 13.90 -3.84 6.07
N GLY B 31 13.40 -2.83 5.35
CA GLY B 31 11.99 -2.76 4.89
C GLY B 31 11.07 -2.21 5.96
N ASP B 32 9.77 -2.42 5.81
CA ASP B 32 8.72 -1.81 6.66
C ASP B 32 7.76 -2.90 7.17
N GLY B 33 8.24 -4.15 7.23
CA GLY B 33 7.55 -5.26 7.92
C GLY B 33 7.84 -5.25 9.41
N GLY B 34 7.05 -5.97 10.19
CA GLY B 34 7.37 -6.34 11.59
C GLY B 34 6.51 -5.60 12.61
N ILE B 35 5.68 -4.67 12.16
CA ILE B 35 4.72 -3.95 13.05
C ILE B 35 3.30 -4.48 12.80
N TYR B 36 2.68 -5.05 13.83
CA TYR B 36 1.38 -5.76 13.74
C TYR B 36 0.31 -4.96 14.50
N ILE B 37 -0.93 -5.06 14.03
CA ILE B 37 -2.15 -4.67 14.80
C ILE B 37 -2.30 -5.65 15.98
N GLY B 38 -2.06 -5.16 17.20
CA GLY B 38 -2.16 -5.97 18.42
C GLY B 38 -3.60 -6.20 18.83
N SER B 39 -4.44 -5.18 18.65
CA SER B 39 -5.87 -5.17 19.05
C SER B 39 -6.60 -4.06 18.29
N ILE B 40 -7.92 -4.17 18.18
CA ILE B 40 -8.80 -3.14 17.56
C ILE B 40 -9.91 -2.79 18.54
N MET B 41 -10.16 -1.49 18.72
CA MET B 41 -11.18 -0.96 19.66
CA MET B 41 -11.18 -0.94 19.66
C MET B 41 -12.49 -0.74 18.90
N LYS B 42 -13.63 -0.95 19.58
CA LYS B 42 -14.96 -0.49 19.12
C LYS B 42 -14.98 1.04 19.06
N GLY B 43 -15.77 1.60 18.15
CA GLY B 43 -16.09 3.05 18.10
C GLY B 43 -15.06 3.83 17.31
N GLY B 44 -13.99 3.16 16.88
CA GLY B 44 -12.95 3.74 16.01
C GLY B 44 -13.27 3.53 14.53
N ALA B 45 -12.54 4.21 13.65
CA ALA B 45 -12.74 4.16 12.18
C ALA B 45 -12.40 2.76 11.66
N VAL B 46 -11.39 2.11 12.24
CA VAL B 46 -10.85 0.81 11.74
C VAL B 46 -11.91 -0.27 11.95
N ALA B 47 -12.56 -0.29 13.12
CA ALA B 47 -13.65 -1.23 13.47
C ALA B 47 -14.84 -1.01 12.53
N ALA B 48 -15.17 0.26 12.26
CA ALA B 48 -16.32 0.66 11.39
C ALA B 48 -16.11 0.12 9.97
N ASP B 49 -14.89 0.22 9.45
CA ASP B 49 -14.52 -0.24 8.08
C ASP B 49 -14.57 -1.77 8.04
N GLY B 50 -13.91 -2.44 8.99
CA GLY B 50 -14.13 -3.86 9.32
C GLY B 50 -13.13 -4.78 8.61
N ARG B 51 -12.29 -4.23 7.73
CA ARG B 51 -11.41 -5.02 6.83
C ARG B 51 -10.14 -5.44 7.60
N ILE B 52 -9.62 -4.56 8.46
CA ILE B 52 -8.36 -4.79 9.22
C ILE B 52 -8.69 -5.58 10.50
N GLU B 53 -7.87 -6.58 10.82
CA GLU B 53 -8.05 -7.49 11.97
C GLU B 53 -6.76 -7.50 12.80
N PRO B 54 -6.83 -7.84 14.11
CA PRO B 54 -5.62 -8.10 14.89
C PRO B 54 -4.76 -9.17 14.20
N GLY B 55 -3.44 -8.94 14.14
CA GLY B 55 -2.46 -9.85 13.52
C GLY B 55 -2.14 -9.43 12.10
N ASP B 56 -2.90 -8.50 11.52
CA ASP B 56 -2.55 -7.83 10.25
C ASP B 56 -1.28 -7.00 10.48
N MET B 57 -0.44 -6.87 9.45
CA MET B 57 0.85 -6.14 9.53
CA MET B 57 0.85 -6.14 9.54
C MET B 57 0.67 -4.75 8.91
N LEU B 58 0.98 -3.70 9.69
CA LEU B 58 0.79 -2.29 9.27
C LEU B 58 2.06 -1.77 8.61
N LEU B 59 1.99 -1.47 7.31
CA LEU B 59 3.17 -1.18 6.45
C LEU B 59 3.34 0.33 6.26
N GLN B 60 2.23 1.05 6.10
CA GLN B 60 2.24 2.48 5.70
C GLN B 60 0.98 3.17 6.22
N VAL B 61 1.13 4.41 6.69
CA VAL B 61 0.00 5.32 7.03
C VAL B 61 0.17 6.61 6.22
N ASN B 62 -0.84 6.96 5.41
CA ASN B 62 -0.78 8.10 4.47
C ASN B 62 0.50 7.95 3.63
N GLU B 63 1.44 8.89 3.73
CA GLU B 63 2.64 8.94 2.85
C GLU B 63 3.88 8.48 3.61
N ILE B 64 3.71 7.95 4.83
CA ILE B 64 4.82 7.49 5.71
C ILE B 64 4.79 5.95 5.78
N ASN B 65 5.77 5.30 5.16
CA ASN B 65 5.96 3.83 5.27
C ASN B 65 6.83 3.53 6.50
N PHE B 66 6.49 2.46 7.22
CA PHE B 66 7.00 2.17 8.60
C PHE B 66 8.38 1.53 8.49
N GLU B 67 9.33 2.31 7.97
CA GLU B 67 10.74 1.92 7.75
C GLU B 67 11.60 2.53 8.87
N ASN B 68 12.51 1.73 9.45
CA ASN B 68 13.55 2.19 10.40
C ASN B 68 12.92 2.68 11.70
N MET B 69 11.73 2.16 12.05
CA MET B 69 10.93 2.68 13.18
C MET B 69 10.97 1.69 14.35
N SER B 70 11.25 2.20 15.56
CA SER B 70 10.90 1.57 16.85
C SER B 70 9.38 1.57 17.01
N ASN B 71 8.86 0.78 17.96
CA ASN B 71 7.42 0.80 18.32
C ASN B 71 7.03 2.22 18.73
N ASP B 72 7.87 2.88 19.54
CA ASP B 72 7.63 4.25 20.05
C ASP B 72 7.51 5.21 18.86
N ASP B 73 8.42 5.11 17.90
CA ASP B 73 8.41 5.93 16.66
C ASP B 73 7.05 5.80 15.98
N ALA B 74 6.62 4.56 15.71
CA ALA B 74 5.38 4.25 14.95
C ALA B 74 4.17 4.79 15.71
N VAL B 75 4.15 4.65 17.04
CA VAL B 75 3.07 5.16 17.92
C VAL B 75 3.02 6.69 17.79
N ARG B 76 4.17 7.36 17.83
CA ARG B 76 4.28 8.83 17.75
C ARG B 76 3.75 9.32 16.39
N VAL B 77 4.12 8.63 15.31
CA VAL B 77 3.69 8.99 13.92
C VAL B 77 2.17 8.85 13.83
N LEU B 78 1.61 7.75 14.34
CA LEU B 78 0.15 7.49 14.32
C LEU B 78 -0.57 8.58 15.13
N ARG B 79 -0.01 8.96 16.29
CA ARG B 79 -0.57 10.02 17.17
C ARG B 79 -0.63 11.34 16.40
N GLU B 80 0.46 11.70 15.71
CA GLU B 80 0.59 12.98 14.97
C GLU B 80 -0.48 13.04 13.88
N ILE B 81 -0.70 11.92 13.17
CA ILE B 81 -1.60 11.86 11.99
C ILE B 81 -3.06 11.85 12.45
N VAL B 82 -3.38 11.07 13.49
CA VAL B 82 -4.78 10.92 14.01
C VAL B 82 -5.22 12.25 14.64
N HIS B 83 -4.28 13.02 15.22
CA HIS B 83 -4.55 14.29 15.91
C HIS B 83 -4.89 15.38 14.89
N LYS B 84 -4.53 15.18 13.62
CA LYS B 84 -4.82 16.11 12.49
C LYS B 84 -6.09 15.65 11.79
N PRO B 85 -6.94 16.60 11.30
CA PRO B 85 -8.13 16.23 10.54
C PRO B 85 -7.79 15.71 9.13
N GLY B 86 -8.73 14.99 8.51
CA GLY B 86 -8.62 14.52 7.12
C GLY B 86 -8.63 12.99 7.04
N PRO B 87 -8.82 12.42 5.83
CA PRO B 87 -8.81 10.97 5.65
C PRO B 87 -7.45 10.35 5.96
N ILE B 88 -7.44 9.07 6.38
CA ILE B 88 -6.22 8.28 6.66
C ILE B 88 -6.25 7.01 5.82
N THR B 89 -5.18 6.74 5.07
CA THR B 89 -5.01 5.51 4.25
C THR B 89 -3.97 4.60 4.93
N LEU B 90 -4.38 3.38 5.28
CA LEU B 90 -3.49 2.32 5.84
C LEU B 90 -3.22 1.28 4.76
N THR B 91 -1.95 0.94 4.54
CA THR B 91 -1.52 -0.25 3.76
C THR B 91 -1.17 -1.38 4.73
N VAL B 92 -1.90 -2.49 4.69
CA VAL B 92 -1.71 -3.63 5.63
C VAL B 92 -1.55 -4.92 4.82
N ALA B 93 -0.73 -5.84 5.34
CA ALA B 93 -0.63 -7.25 4.92
C ALA B 93 -1.52 -8.11 5.82
N LYS B 94 -2.54 -8.74 5.24
CA LYS B 94 -3.45 -9.68 5.94
C LYS B 94 -2.64 -10.87 6.45
N SER B 95 -2.91 -11.32 7.68
CA SER B 95 -2.28 -12.51 8.31
C SER B 95 -2.67 -13.77 7.51
CAJ V31 C . 1.87 2.25 -22.19
CAG V31 C . 3.10 2.86 -22.01
CAF V31 C . 3.31 4.17 -22.46
CAH V31 C . 2.28 4.85 -23.08
CAK V31 C . 1.03 4.25 -23.25
CAR V31 C . 0.83 2.96 -22.78
CAN V31 C . -0.50 2.26 -23.01
SAU V31 C . -1.81 2.80 -21.87
OAB V31 C . -2.03 4.26 -21.92
OAC V31 C . -3.04 2.01 -22.03
NAO V31 C . -1.28 2.50 -20.35
CAS V31 C . -0.74 1.32 -19.99
CAL V31 C . -1.40 0.11 -20.23
CAI V31 C . -0.84 -1.10 -19.83
CAQ V31 C . 0.37 -1.11 -19.15
BR V31 C . 1.18 -2.74 -18.63
CAM V31 C . 1.03 0.09 -18.88
CAT V31 C . 0.46 1.30 -19.27
CAP V31 C . 1.22 2.59 -18.94
OAD V31 C . 0.57 3.66 -18.92
OAA V31 C . 2.42 2.49 -18.64
CAJ V31 D . 8.29 0.22 -22.09
CAG V31 D . 7.61 1.04 -21.20
CAF V31 D . 6.62 1.91 -21.68
CAH V31 D . 6.34 1.95 -23.04
CAK V31 D . 7.02 1.14 -23.92
CAR V31 D . 7.99 0.27 -23.45
CAN V31 D . 8.74 -0.64 -24.42
SAU V31 D . 7.96 -2.28 -24.54
OAB V31 D . 8.63 -3.14 -25.54
OAC V31 D . 7.75 -2.96 -23.24
NAO V31 D . 6.48 -2.00 -25.19
CAS V31 D . 5.32 -1.99 -24.49
CAL V31 D . 5.21 -1.41 -23.23
CAI V31 D . 3.96 -1.32 -22.60
CAQ V31 D . 2.82 -1.78 -23.26
BR V31 D . 1.09 -1.67 -22.48
CAM V31 D . 2.93 -2.31 -24.53
CAT V31 D . 4.16 -2.39 -25.16
CAP V31 D . 4.22 -3.01 -26.55
OAD V31 D . 3.18 -3.54 -26.98
OAA V31 D . 5.31 -2.96 -27.19
CAJ V31 E . -7.19 7.69 21.06
CAG V31 E . -8.27 6.81 21.07
CAF V31 E . -8.06 5.45 20.89
CAH V31 E . -6.77 4.97 20.69
CAK V31 E . -5.69 5.84 20.68
CAR V31 E . -5.90 7.20 20.84
CAN V31 E . -4.71 8.17 20.84
SAU V31 E . -4.53 9.04 19.24
OAB V31 E . -3.28 9.85 19.27
OAC V31 E . -5.71 9.93 19.01
NAO V31 E . -4.46 7.95 18.02
CAS V31 E . -3.67 6.88 18.09
CAL V31 E . -2.33 7.01 18.45
CAI V31 E . -1.50 5.90 18.49
CAQ V31 E . -2.02 4.64 18.17
BR V31 E . -0.94 3.11 18.25
CAM V31 E . -3.35 4.52 17.79
CAT V31 E . -4.17 5.63 17.74
CAP V31 E . -5.63 5.44 17.32
OAD V31 E . -6.08 4.27 17.31
OAA V31 E . -6.28 6.45 16.96
#